data_7QFY
#
_entry.id   7QFY
#
_cell.length_a   57.371
_cell.length_b   57.371
_cell.length_c   105.895
_cell.angle_alpha   90.000
_cell.angle_beta   90.000
_cell.angle_gamma   90.000
#
_symmetry.space_group_name_H-M   'P 41'
#
loop_
_entity.id
_entity.type
_entity.pdbx_description
1 polymer 'Extracellular metalloproteinase'
2 branched 2-acetamido-2-deoxy-beta-D-glucopyranose-(1-4)-2-acetamido-2-deoxy-beta-D-glucopyranose
3 non-polymer 'ZINC ION'
4 non-polymer 'CALCIUM ION'
5 water water
#
_entity_poly.entity_id   1
_entity_poly.type   'polypeptide(L)'
_entity_poly.pdbx_seq_one_letter_code
;ATYKVYPWGVNDPSKGSRSTVENPWNLAASEFTWLSDGSNNYTTTRGNNGIAQVNPSGGSTYLNNYRPDSPSLKFEYDYS
TSTTTPTTYRDASIAQLFYTANKYHDLLYLLGFTEQAGNFQTNNNGQGGVGNDMVILNAQDGSGTNNANFATPADGQPGR
MRMCLWTYSTPQRDCSFDAGVVIHEYTHGLSNRLTGGPANSGCLPGGESGGMGEGWGDFMATAIHIQSKDTRASNKVMGD
WVYNNAAGIRAYPYSTSLTTNPYTYKSVNSLSGVHAIGTYWATVLYEVMWNLIDKHGKNDADEPKFNNGVPTDGKYLAMK
LVVDGMSLQPCNPNMVQARDAIIDADTALTKGANKCEIWKGFAKRGLGTGAKYSASSRTESFALPSGC
;
_entity_poly.pdbx_strand_id   A
#
loop_
_chem_comp.id
_chem_comp.type
_chem_comp.name
_chem_comp.formula
CA non-polymer 'CALCIUM ION' 'Ca 2'
NAG D-saccharide, beta linking 2-acetamido-2-deoxy-beta-D-glucopyranose 'C8 H15 N O6'
ZN non-polymer 'ZINC ION' 'Zn 2'
#
# COMPACT_ATOMS: atom_id res chain seq x y z
N ALA A 1 15.87 -15.90 -13.40
CA ALA A 1 15.38 -16.04 -11.99
C ALA A 1 13.89 -16.28 -12.02
N THR A 2 13.41 -17.14 -11.15
CA THR A 2 12.00 -17.47 -11.11
C THR A 2 11.51 -17.36 -9.68
N TYR A 3 10.20 -17.11 -9.55
CA TYR A 3 9.52 -17.07 -8.27
C TYR A 3 8.25 -17.89 -8.39
N LYS A 4 8.01 -18.81 -7.47
CA LYS A 4 6.72 -19.49 -7.43
C LYS A 4 5.86 -18.80 -6.37
N VAL A 5 4.88 -18.03 -6.83
CA VAL A 5 4.15 -17.10 -5.97
C VAL A 5 2.70 -17.04 -6.44
N TYR A 6 1.85 -16.50 -5.57
CA TYR A 6 0.58 -15.93 -5.99
C TYR A 6 0.93 -14.62 -6.66
N PRO A 7 0.80 -14.47 -7.98
CA PRO A 7 1.31 -13.25 -8.63
C PRO A 7 0.45 -12.04 -8.29
N TRP A 8 1.02 -10.90 -8.64
CA TRP A 8 0.43 -9.59 -8.43
C TRP A 8 -0.98 -9.54 -9.00
N GLY A 9 -1.92 -9.13 -8.15
CA GLY A 9 -3.31 -9.12 -8.52
C GLY A 9 -4.11 -10.26 -7.95
N VAL A 10 -3.45 -11.31 -7.46
CA VAL A 10 -4.11 -12.35 -6.69
C VAL A 10 -3.89 -12.00 -5.23
N ASN A 11 -4.93 -11.59 -4.50
CA ASN A 11 -4.64 -11.05 -3.18
C ASN A 11 -4.11 -12.11 -2.21
N ASP A 12 -4.69 -13.30 -2.18
CA ASP A 12 -4.35 -14.24 -1.12
C ASP A 12 -4.65 -15.65 -1.60
N PRO A 13 -4.22 -16.68 -0.85
CA PRO A 13 -4.40 -18.05 -1.34
C PRO A 13 -5.85 -18.47 -1.57
N SER A 14 -6.83 -17.83 -0.95
CA SER A 14 -8.21 -18.21 -1.20
C SER A 14 -8.75 -17.67 -2.51
N LYS A 15 -7.99 -16.81 -3.19
CA LYS A 15 -8.46 -16.14 -4.38
C LYS A 15 -7.69 -16.52 -5.64
N GLY A 16 -6.77 -17.46 -5.57
CA GLY A 16 -6.03 -17.82 -6.75
C GLY A 16 -5.12 -18.99 -6.51
N SER A 17 -4.19 -19.18 -7.44
CA SER A 17 -3.27 -20.31 -7.47
C SER A 17 -1.87 -19.76 -7.72
N ARG A 18 -0.86 -20.48 -7.24
CA ARG A 18 0.52 -20.07 -7.49
C ARG A 18 0.96 -20.54 -8.86
N SER A 19 1.85 -19.76 -9.45
CA SER A 19 2.58 -20.21 -10.64
C SER A 19 3.99 -19.67 -10.57
N THR A 20 4.81 -20.11 -11.51
CA THR A 20 6.20 -19.69 -11.59
C THR A 20 6.29 -18.53 -12.58
N VAL A 21 6.84 -17.40 -12.11
CA VAL A 21 7.05 -16.23 -12.94
C VAL A 21 8.54 -15.95 -13.03
N GLU A 22 8.97 -15.51 -14.21
CA GLU A 22 10.38 -15.29 -14.49
C GLU A 22 10.67 -13.81 -14.55
N ASN A 23 11.79 -13.41 -13.93
CA ASN A 23 12.35 -12.08 -14.03
C ASN A 23 11.25 -11.00 -13.90
N PRO A 24 10.54 -10.96 -12.78
CA PRO A 24 9.31 -10.15 -12.68
C PRO A 24 9.55 -8.66 -12.40
N TRP A 25 10.79 -8.24 -12.34
CA TRP A 25 11.14 -6.85 -12.08
C TRP A 25 10.86 -5.98 -13.28
N ASN A 26 10.57 -4.71 -13.03
CA ASN A 26 10.51 -3.70 -14.06
C ASN A 26 11.84 -2.95 -14.07
N LEU A 27 12.57 -3.02 -15.18
CA LEU A 27 13.93 -2.46 -15.19
C LEU A 27 13.95 -0.95 -15.12
N ALA A 28 12.84 -0.27 -15.43
CA ALA A 28 12.80 1.17 -15.28
C ALA A 28 12.90 1.56 -13.81
N ALA A 29 12.32 0.75 -12.92
CA ALA A 29 12.34 1.02 -11.49
C ALA A 29 13.39 0.23 -10.73
N SER A 30 13.77 -0.94 -11.21
CA SER A 30 14.79 -1.78 -10.58
C SER A 30 15.87 -2.06 -11.61
N GLU A 31 16.72 -1.07 -11.88
CA GLU A 31 17.66 -1.18 -13.00
C GLU A 31 18.66 -2.30 -12.80
N PHE A 32 18.93 -2.71 -11.56
CA PHE A 32 19.86 -3.77 -11.26
C PHE A 32 19.15 -5.12 -11.11
N THR A 33 17.85 -5.18 -11.40
CA THR A 33 16.96 -6.26 -11.01
C THR A 33 16.75 -6.26 -9.50
N TRP A 34 15.84 -7.10 -9.03
CA TRP A 34 15.59 -7.19 -7.60
C TRP A 34 16.72 -7.87 -6.84
N LEU A 35 17.69 -8.47 -7.52
CA LEU A 35 18.67 -9.34 -6.87
C LEU A 35 20.06 -8.72 -6.79
N SER A 36 20.18 -7.43 -7.05
CA SER A 36 21.47 -6.75 -7.02
C SER A 36 21.25 -5.33 -6.55
N ASP A 37 22.30 -4.78 -5.94
CA ASP A 37 22.35 -3.37 -5.60
C ASP A 37 23.33 -2.61 -6.47
N GLY A 38 23.73 -3.20 -7.60
CA GLY A 38 24.66 -2.59 -8.50
C GLY A 38 26.10 -2.96 -8.23
N SER A 39 26.43 -3.26 -6.98
CA SER A 39 27.76 -3.73 -6.63
C SER A 39 27.80 -5.20 -6.27
N ASN A 40 26.77 -5.68 -5.60
CA ASN A 40 26.69 -7.07 -5.18
C ASN A 40 25.50 -7.73 -5.87
N ASN A 41 25.66 -8.99 -6.24
CA ASN A 41 24.57 -9.84 -6.71
C ASN A 41 24.27 -10.88 -5.65
N TYR A 42 22.99 -11.14 -5.40
CA TYR A 42 22.58 -12.05 -4.34
C TYR A 42 21.88 -13.29 -4.89
N THR A 43 21.97 -14.39 -4.14
CA THR A 43 21.28 -15.63 -4.48
C THR A 43 20.20 -15.95 -3.45
N THR A 44 19.48 -14.92 -3.03
CA THR A 44 18.46 -15.04 -2.02
C THR A 44 17.47 -13.88 -2.20
N THR A 45 16.61 -13.71 -1.21
CA THR A 45 15.61 -12.64 -1.17
C THR A 45 16.29 -11.38 -0.63
N ARG A 46 17.18 -10.84 -1.45
CA ARG A 46 17.95 -9.66 -1.11
C ARG A 46 18.34 -8.92 -2.39
N GLY A 47 18.23 -7.61 -2.35
CA GLY A 47 18.68 -6.79 -3.46
C GLY A 47 18.40 -5.32 -3.19
N ASN A 48 18.32 -4.53 -4.26
CA ASN A 48 18.34 -3.09 -4.07
C ASN A 48 17.13 -2.57 -3.27
N ASN A 49 15.99 -3.24 -3.38
CA ASN A 49 14.74 -2.69 -2.83
C ASN A 49 14.41 -3.25 -1.47
N GLY A 50 14.99 -4.39 -1.09
CA GLY A 50 14.60 -4.98 0.17
C GLY A 50 15.45 -6.20 0.49
N ILE A 51 15.38 -6.61 1.74
CA ILE A 51 15.98 -7.84 2.19
C ILE A 51 14.92 -8.53 3.04
N ALA A 52 14.59 -9.76 2.68
CA ALA A 52 13.55 -10.52 3.35
C ALA A 52 14.13 -11.72 4.09
N GLN A 53 13.50 -12.06 5.20
CA GLN A 53 13.94 -13.09 6.12
C GLN A 53 12.79 -13.36 7.06
N VAL A 54 12.85 -14.49 7.75
CA VAL A 54 11.97 -14.69 8.90
C VAL A 54 12.64 -14.09 10.12
N ASN A 55 11.83 -13.63 11.06
CA ASN A 55 12.33 -13.06 12.32
C ASN A 55 11.62 -13.68 13.52
N PRO A 56 11.80 -14.99 13.74
CA PRO A 56 11.09 -15.65 14.83
C PRO A 56 11.41 -15.06 16.19
N SER A 57 12.59 -14.46 16.36
CA SER A 57 12.94 -13.88 17.65
C SER A 57 12.12 -12.64 17.98
N GLY A 58 11.60 -11.96 16.96
CA GLY A 58 10.97 -10.68 17.14
C GLY A 58 11.94 -9.54 17.39
N GLY A 59 13.24 -9.76 17.20
CA GLY A 59 14.25 -8.76 17.46
C GLY A 59 14.34 -7.71 16.38
N SER A 60 15.27 -6.78 16.58
CA SER A 60 15.41 -5.63 15.70
C SER A 60 16.57 -5.73 14.73
N THR A 61 17.40 -6.77 14.79
CA THR A 61 18.40 -6.96 13.75
C THR A 61 17.82 -7.87 12.68
N TYR A 62 18.50 -7.94 11.52
CA TYR A 62 17.95 -8.66 10.38
C TYR A 62 18.99 -9.41 9.55
N LEU A 63 20.25 -8.99 9.51
CA LEU A 63 21.16 -9.50 8.50
C LEU A 63 21.38 -11.00 8.66
N ASN A 64 21.36 -11.47 9.89
CA ASN A 64 21.69 -12.86 10.15
C ASN A 64 20.46 -13.71 10.42
N ASN A 65 19.25 -13.17 10.21
CA ASN A 65 18.06 -14.02 10.21
C ASN A 65 18.07 -14.92 8.98
N TYR A 66 17.27 -15.98 9.06
CA TYR A 66 17.22 -17.00 8.01
C TYR A 66 16.54 -16.45 6.75
N ARG A 67 17.15 -16.73 5.59
CA ARG A 67 16.53 -16.58 4.29
C ARG A 67 17.06 -17.67 3.37
N PRO A 68 16.32 -18.05 2.33
CA PRO A 68 16.73 -19.23 1.55
C PRO A 68 18.00 -18.97 0.77
N ASP A 69 18.91 -19.94 0.82
CA ASP A 69 20.15 -19.95 0.05
C ASP A 69 19.87 -20.71 -1.24
N SER A 70 19.63 -19.99 -2.33
CA SER A 70 19.19 -20.60 -3.59
C SER A 70 20.03 -20.11 -4.74
N PRO A 71 21.26 -20.64 -4.89
CA PRO A 71 22.10 -20.24 -6.04
C PRO A 71 21.49 -20.60 -7.38
N SER A 72 20.49 -21.49 -7.41
CA SER A 72 19.78 -21.76 -8.66
C SER A 72 19.03 -20.54 -9.17
N LEU A 73 18.77 -19.55 -8.30
CA LEU A 73 17.84 -18.43 -8.54
C LEU A 73 16.45 -18.88 -8.91
N LYS A 74 16.09 -20.09 -8.51
CA LYS A 74 14.73 -20.62 -8.63
C LYS A 74 14.12 -20.52 -7.24
N PHE A 75 13.42 -19.42 -7.00
CA PHE A 75 12.81 -19.20 -5.68
C PHE A 75 11.43 -19.85 -5.68
N GLU A 76 11.46 -21.18 -5.79
N GLU A 76 11.44 -21.19 -5.78
CA GLU A 76 10.26 -22.01 -5.96
CA GLU A 76 10.22 -21.99 -5.97
C GLU A 76 10.20 -22.97 -4.78
C GLU A 76 10.12 -23.01 -4.85
N TYR A 77 9.26 -22.73 -3.87
CA TYR A 77 9.25 -23.43 -2.59
C TYR A 77 7.87 -23.98 -2.28
N ASP A 78 7.83 -25.05 -1.50
CA ASP A 78 6.57 -25.70 -1.18
C ASP A 78 5.69 -24.82 -0.29
N TYR A 79 4.38 -24.89 -0.53
CA TYR A 79 3.40 -24.19 0.28
C TYR A 79 2.06 -24.89 0.16
N SER A 80 1.40 -25.07 1.28
CA SER A 80 0.05 -25.59 1.30
C SER A 80 -0.74 -24.91 2.39
N THR A 81 -1.98 -24.56 2.06
CA THR A 81 -2.92 -24.00 3.03
C THR A 81 -3.42 -25.04 4.03
N SER A 82 -3.05 -26.31 3.92
CA SER A 82 -3.38 -27.29 4.96
C SER A 82 -2.28 -27.45 5.98
N THR A 83 -1.09 -26.97 5.70
CA THR A 83 0.04 -27.14 6.58
C THR A 83 -0.14 -26.41 7.91
N THR A 84 0.04 -27.13 9.00
CA THR A 84 -0.20 -26.68 10.37
C THR A 84 0.98 -25.95 10.99
N THR A 85 2.20 -26.18 10.51
CA THR A 85 3.41 -25.67 11.16
C THR A 85 4.04 -24.63 10.24
N PRO A 86 3.84 -23.33 10.48
CA PRO A 86 4.26 -22.32 9.48
C PRO A 86 5.75 -22.30 9.17
N THR A 87 6.61 -22.70 10.10
CA THR A 87 8.02 -22.70 9.75
C THR A 87 8.31 -23.66 8.61
N THR A 88 7.45 -24.67 8.41
N THR A 88 7.46 -24.66 8.37
CA THR A 88 7.60 -25.60 7.30
CA THR A 88 7.78 -25.58 7.28
C THR A 88 7.71 -24.87 5.97
C THR A 88 7.58 -24.96 5.90
N TYR A 89 6.91 -23.82 5.79
CA TYR A 89 6.85 -23.09 4.52
C TYR A 89 7.48 -21.70 4.62
N ARG A 90 8.45 -21.55 5.51
CA ARG A 90 9.08 -20.25 5.66
C ARG A 90 9.76 -19.79 4.37
N ASP A 91 10.36 -20.71 3.58
CA ASP A 91 10.98 -20.28 2.32
C ASP A 91 9.95 -19.62 1.42
N ALA A 92 8.80 -20.26 1.26
CA ALA A 92 7.72 -19.73 0.43
C ALA A 92 7.22 -18.41 0.98
N SER A 93 7.08 -18.32 2.30
CA SER A 93 6.61 -17.10 2.94
C SER A 93 7.56 -15.95 2.65
N ILE A 94 8.85 -16.17 2.86
CA ILE A 94 9.85 -15.14 2.58
C ILE A 94 9.82 -14.73 1.11
N ALA A 95 9.74 -15.70 0.21
CA ALA A 95 9.77 -15.41 -1.20
C ALA A 95 8.55 -14.61 -1.63
N GLN A 96 7.38 -14.99 -1.15
CA GLN A 96 6.16 -14.26 -1.50
C GLN A 96 6.21 -12.83 -1.00
N LEU A 97 6.66 -12.64 0.25
CA LEU A 97 6.79 -11.30 0.80
C LEU A 97 7.75 -10.45 -0.04
N PHE A 98 8.91 -11.03 -0.39
CA PHE A 98 9.88 -10.34 -1.23
C PHE A 98 9.28 -9.96 -2.59
N TYR A 99 8.61 -10.91 -3.23
CA TYR A 99 7.93 -10.67 -4.49
C TYR A 99 6.94 -9.50 -4.38
N THR A 100 5.99 -9.58 -3.44
CA THR A 100 4.94 -8.56 -3.38
C THR A 100 5.53 -7.18 -3.10
N ALA A 101 6.48 -7.09 -2.16
CA ALA A 101 7.02 -5.79 -1.81
C ALA A 101 7.84 -5.22 -2.95
N ASN A 102 8.60 -6.05 -3.66
CA ASN A 102 9.38 -5.54 -4.80
C ASN A 102 8.46 -5.11 -5.94
N LYS A 103 7.40 -5.88 -6.22
CA LYS A 103 6.43 -5.45 -7.20
C LYS A 103 5.88 -4.07 -6.84
N TYR A 104 5.58 -3.87 -5.57
CA TYR A 104 4.97 -2.60 -5.16
C TYR A 104 6.00 -1.48 -5.22
N HIS A 105 7.26 -1.76 -4.82
CA HIS A 105 8.32 -0.79 -5.07
C HIS A 105 8.28 -0.31 -6.50
N ASP A 106 8.21 -1.27 -7.43
CA ASP A 106 8.26 -0.97 -8.85
C ASP A 106 7.06 -0.14 -9.29
N LEU A 107 5.84 -0.55 -8.89
CA LEU A 107 4.65 0.22 -9.25
C LEU A 107 4.72 1.64 -8.69
N LEU A 108 5.06 1.78 -7.40
CA LEU A 108 5.14 3.11 -6.82
C LEU A 108 6.19 3.96 -7.52
N TYR A 109 7.30 3.33 -7.93
CA TYR A 109 8.32 4.06 -8.70
C TYR A 109 7.72 4.68 -9.95
N LEU A 110 6.91 3.92 -10.67
CA LEU A 110 6.27 4.43 -11.88
C LEU A 110 5.27 5.54 -11.59
N LEU A 111 4.68 5.53 -10.40
CA LEU A 111 3.78 6.59 -9.99
C LEU A 111 4.51 7.78 -9.36
N GLY A 112 5.83 7.77 -9.31
CA GLY A 112 6.59 8.92 -8.87
C GLY A 112 7.39 8.74 -7.59
N PHE A 113 7.31 7.58 -6.91
CA PHE A 113 8.04 7.36 -5.65
C PHE A 113 9.44 6.85 -6.00
N THR A 114 10.25 7.78 -6.46
CA THR A 114 11.60 7.52 -6.94
C THR A 114 12.65 7.84 -5.89
N GLU A 115 13.92 7.76 -6.29
CA GLU A 115 15.02 8.13 -5.38
C GLU A 115 14.86 9.56 -4.85
N GLN A 116 14.64 10.53 -5.72
CA GLN A 116 14.54 11.92 -5.27
C GLN A 116 13.26 12.18 -4.47
N ALA A 117 12.32 11.24 -4.46
CA ALA A 117 11.09 11.37 -3.68
C ALA A 117 11.20 10.70 -2.31
N GLY A 118 12.37 10.14 -1.98
CA GLY A 118 12.57 9.55 -0.67
C GLY A 118 12.19 8.09 -0.57
N ASN A 119 12.37 7.31 -1.64
CA ASN A 119 11.97 5.90 -1.62
C ASN A 119 13.01 5.03 -0.91
N PHE A 120 12.79 3.70 -0.95
CA PHE A 120 13.55 2.74 -0.13
C PHE A 120 14.45 1.91 -1.05
N GLN A 121 15.74 2.22 -1.07
CA GLN A 121 16.69 1.50 -1.91
C GLN A 121 18.07 1.58 -1.28
N THR A 122 18.84 0.51 -1.46
CA THR A 122 20.25 0.57 -1.06
C THR A 122 21.04 1.56 -1.91
N ASN A 123 20.92 1.47 -3.24
CA ASN A 123 21.72 2.28 -4.15
C ASN A 123 20.78 3.14 -4.99
N ASN A 124 20.97 4.45 -4.94
CA ASN A 124 20.16 5.38 -5.71
C ASN A 124 20.80 5.77 -7.03
N ASN A 125 22.01 5.25 -7.31
CA ASN A 125 22.61 5.31 -8.64
C ASN A 125 22.61 6.72 -9.22
N GLY A 126 22.92 7.70 -8.38
CA GLY A 126 23.05 9.06 -8.87
C GLY A 126 21.75 9.78 -9.16
N GLN A 127 20.61 9.20 -8.81
CA GLN A 127 19.32 9.79 -9.12
C GLN A 127 18.74 10.63 -7.98
N GLY A 128 19.50 10.91 -6.95
CA GLY A 128 19.06 11.81 -5.89
C GLY A 128 18.65 11.06 -4.63
N GLY A 129 18.16 11.86 -3.66
CA GLY A 129 17.84 11.33 -2.36
C GLY A 129 19.02 10.68 -1.64
N VAL A 130 18.67 9.79 -0.72
CA VAL A 130 19.64 9.09 0.11
C VAL A 130 19.33 7.60 0.03
N GLY A 131 20.36 6.79 -0.20
CA GLY A 131 20.22 5.35 -0.24
C GLY A 131 20.43 4.70 1.10
N ASN A 132 20.95 3.47 1.07
CA ASN A 132 21.15 2.65 2.26
C ASN A 132 19.86 2.42 3.03
N ASP A 133 18.72 2.37 2.34
CA ASP A 133 17.45 2.24 3.04
C ASP A 133 16.46 1.37 2.27
N MET A 134 16.94 0.25 1.72
CA MET A 134 16.04 -0.83 1.32
C MET A 134 15.12 -1.21 2.47
N VAL A 135 14.00 -1.85 2.16
CA VAL A 135 13.06 -2.26 3.20
C VAL A 135 13.49 -3.59 3.79
N ILE A 136 13.53 -3.64 5.12
CA ILE A 136 13.70 -4.86 5.87
C ILE A 136 12.34 -5.55 5.96
N LEU A 137 12.22 -6.71 5.31
CA LEU A 137 10.95 -7.42 5.11
C LEU A 137 10.92 -8.67 5.97
N ASN A 138 10.29 -8.57 7.14
CA ASN A 138 10.29 -9.64 8.13
C ASN A 138 9.04 -10.48 7.97
N ALA A 139 9.22 -11.73 7.60
CA ALA A 139 8.14 -12.70 7.60
C ALA A 139 8.12 -13.47 8.92
N GLN A 140 6.93 -14.00 9.25
CA GLN A 140 6.73 -14.81 10.45
C GLN A 140 7.41 -14.17 11.65
N ASP A 141 7.14 -12.86 11.81
CA ASP A 141 7.82 -12.09 12.84
C ASP A 141 7.31 -12.51 14.22
N GLY A 142 8.24 -12.84 15.12
CA GLY A 142 7.87 -13.33 16.43
C GLY A 142 7.42 -12.27 17.43
N SER A 143 7.39 -10.99 17.05
CA SER A 143 7.01 -9.94 17.97
C SER A 143 5.53 -9.97 18.32
N GLY A 144 4.73 -10.73 17.59
CA GLY A 144 3.31 -10.78 17.90
C GLY A 144 2.58 -11.68 16.93
N THR A 145 1.26 -11.68 17.04
CA THR A 145 0.42 -12.40 16.10
C THR A 145 -0.75 -11.48 15.77
N ASN A 146 -1.46 -11.83 14.70
CA ASN A 146 -2.70 -11.13 14.34
C ASN A 146 -2.46 -9.65 14.11
N ASN A 147 -1.33 -9.33 13.53
CA ASN A 147 -1.10 -7.94 13.17
C ASN A 147 0.06 -7.88 12.20
N ALA A 148 0.32 -6.67 11.75
CA ALA A 148 1.46 -6.37 10.89
C ALA A 148 1.78 -4.92 11.15
N ASN A 149 3.01 -4.52 10.84
CA ASN A 149 3.32 -3.11 11.05
C ASN A 149 4.49 -2.69 10.20
N PHE A 150 4.71 -1.39 10.16
CA PHE A 150 5.76 -0.80 9.35
C PHE A 150 6.36 0.40 10.08
N ALA A 151 7.69 0.42 10.20
CA ALA A 151 8.42 1.53 10.83
C ALA A 151 9.15 2.31 9.75
N THR A 152 8.97 3.63 9.73
CA THR A 152 9.54 4.49 8.70
C THR A 152 10.48 5.52 9.30
N PRO A 153 11.78 5.28 9.32
CA PRO A 153 12.70 6.35 9.68
C PRO A 153 12.87 7.31 8.51
N ALA A 154 13.58 8.40 8.77
CA ALA A 154 13.85 9.37 7.72
C ALA A 154 14.70 8.74 6.62
N ASP A 155 14.67 9.40 5.45
CA ASP A 155 15.41 8.95 4.29
C ASP A 155 16.85 8.63 4.68
N GLY A 156 17.33 7.47 4.23
CA GLY A 156 18.69 7.05 4.49
C GLY A 156 18.82 5.97 5.55
N GLN A 157 17.72 5.64 6.23
N GLN A 157 17.70 5.62 6.21
CA GLN A 157 17.71 4.51 7.13
CA GLN A 157 17.65 4.55 7.19
C GLN A 157 16.55 3.61 6.73
C GLN A 157 16.54 3.62 6.72
N PRO A 158 16.75 2.29 6.74
CA PRO A 158 15.75 1.38 6.17
C PRO A 158 14.40 1.41 6.88
N GLY A 159 13.35 1.29 6.07
CA GLY A 159 12.06 0.94 6.62
C GLY A 159 12.06 -0.50 7.07
N ARG A 160 11.16 -0.82 8.01
CA ARG A 160 11.06 -2.17 8.51
C ARG A 160 9.59 -2.61 8.51
N MET A 161 9.31 -3.70 7.81
CA MET A 161 7.98 -4.30 7.78
C MET A 161 7.97 -5.56 8.63
N ARG A 162 7.00 -5.67 9.53
CA ARG A 162 6.80 -6.90 10.28
C ARG A 162 5.49 -7.55 9.86
N MET A 163 5.58 -8.78 9.37
CA MET A 163 4.43 -9.59 8.98
C MET A 163 4.37 -10.75 9.96
N CYS A 164 3.22 -10.95 10.58
CA CYS A 164 3.07 -11.96 11.61
C CYS A 164 2.15 -13.09 11.14
N LEU A 165 2.20 -14.18 11.90
CA LEU A 165 1.20 -15.22 11.75
C LEU A 165 -0.11 -14.76 12.39
N TRP A 166 -1.20 -15.16 11.77
CA TRP A 166 -2.53 -14.87 12.29
C TRP A 166 -3.17 -16.18 12.72
N THR A 167 -3.91 -16.12 13.82
CA THR A 167 -4.27 -17.30 14.56
C THR A 167 -5.75 -17.28 14.92
N TYR A 168 -6.55 -16.71 14.02
CA TYR A 168 -8.00 -16.76 14.09
C TYR A 168 -8.57 -17.86 13.21
N SER A 169 -7.74 -18.84 12.87
CA SER A 169 -8.08 -19.94 11.98
C SER A 169 -7.15 -21.08 12.33
N THR A 170 -7.59 -22.30 11.99
CA THR A 170 -6.74 -23.49 12.01
C THR A 170 -6.79 -24.10 10.62
N PRO A 171 -5.67 -24.21 9.90
CA PRO A 171 -4.32 -23.74 10.25
C PRO A 171 -4.24 -22.23 10.40
N GLN A 172 -3.22 -21.79 11.14
CA GLN A 172 -2.84 -20.39 11.14
C GLN A 172 -2.62 -19.91 9.72
N ARG A 173 -2.80 -18.61 9.51
CA ARG A 173 -2.64 -18.01 8.19
C ARG A 173 -1.51 -16.99 8.23
N ASP A 174 -0.60 -17.09 7.27
CA ASP A 174 0.62 -16.29 7.24
C ASP A 174 0.36 -15.06 6.37
N CYS A 175 0.42 -13.86 6.95
N CYS A 175 0.49 -13.88 6.98
CA CYS A 175 0.05 -12.68 6.20
CA CYS A 175 0.16 -12.63 6.33
C CYS A 175 1.10 -12.24 5.17
C CYS A 175 1.08 -12.30 5.16
N SER A 176 2.25 -12.92 5.06
CA SER A 176 3.08 -12.74 3.86
C SER A 176 2.29 -13.02 2.59
N PHE A 177 1.30 -13.88 2.67
CA PHE A 177 0.53 -14.29 1.52
C PHE A 177 -0.74 -13.45 1.34
N ASP A 178 -0.95 -12.42 2.14
CA ASP A 178 -2.08 -11.51 1.96
C ASP A 178 -1.52 -10.21 1.38
N ALA A 179 -1.53 -10.14 0.05
CA ALA A 179 -0.86 -9.03 -0.62
C ALA A 179 -1.40 -7.68 -0.16
N GLY A 180 -2.70 -7.57 0.06
CA GLY A 180 -3.27 -6.30 0.46
C GLY A 180 -2.69 -5.84 1.79
N VAL A 181 -2.42 -6.77 2.70
CA VAL A 181 -1.82 -6.36 3.96
C VAL A 181 -0.38 -5.92 3.76
N VAL A 182 0.37 -6.66 2.94
CA VAL A 182 1.73 -6.21 2.59
C VAL A 182 1.68 -4.81 2.03
N ILE A 183 0.79 -4.59 1.06
CA ILE A 183 0.68 -3.28 0.41
C ILE A 183 0.28 -2.22 1.43
N HIS A 184 -0.69 -2.52 2.30
CA HIS A 184 -1.05 -1.59 3.36
C HIS A 184 0.18 -1.19 4.18
N GLU A 185 0.99 -2.15 4.61
CA GLU A 185 2.13 -1.82 5.45
C GLU A 185 3.15 -0.97 4.70
N TYR A 186 3.50 -1.37 3.48
CA TYR A 186 4.48 -0.63 2.70
C TYR A 186 3.99 0.80 2.45
N THR A 187 2.69 0.96 2.29
CA THR A 187 2.13 2.29 2.07
C THR A 187 2.36 3.21 3.26
N HIS A 188 2.51 2.66 4.47
CA HIS A 188 2.93 3.51 5.59
C HIS A 188 4.29 4.12 5.33
N GLY A 189 5.18 3.38 4.70
CA GLY A 189 6.48 3.95 4.34
C GLY A 189 6.33 5.02 3.28
N LEU A 190 5.48 4.78 2.29
CA LEU A 190 5.21 5.77 1.26
C LEU A 190 4.67 7.07 1.86
N SER A 191 3.64 6.98 2.68
CA SER A 191 2.99 8.20 3.15
C SER A 191 3.85 8.93 4.16
N ASN A 192 4.58 8.19 4.99
CA ASN A 192 5.45 8.86 5.95
C ASN A 192 6.63 9.53 5.26
N ARG A 193 7.19 8.92 4.21
CA ARG A 193 8.28 9.56 3.49
C ARG A 193 7.79 10.80 2.74
N LEU A 194 6.70 10.66 1.97
CA LEU A 194 6.24 11.77 1.15
C LEU A 194 5.74 12.93 2.00
N THR A 195 4.98 12.65 3.07
CA THR A 195 4.39 13.75 3.82
C THR A 195 5.47 14.53 4.56
N GLY A 196 5.54 15.83 4.33
CA GLY A 196 6.60 16.63 4.94
C GLY A 196 7.97 16.37 4.34
N GLY A 197 8.02 15.64 3.23
CA GLY A 197 9.26 15.36 2.55
C GLY A 197 10.05 14.29 3.26
N PRO A 198 11.12 13.78 2.62
CA PRO A 198 11.70 12.51 3.09
C PRO A 198 12.48 12.60 4.38
N ALA A 199 12.88 13.78 4.83
CA ALA A 199 13.66 13.88 6.05
C ALA A 199 12.79 13.90 7.30
N ASN A 200 11.47 14.00 7.13
CA ASN A 200 10.57 14.13 8.26
C ASN A 200 9.62 12.95 8.29
N SER A 201 9.83 12.07 9.25
CA SER A 201 8.97 10.91 9.42
C SER A 201 8.01 11.06 10.58
N GLY A 202 7.86 12.26 11.12
CA GLY A 202 6.94 12.44 12.23
C GLY A 202 5.68 13.16 11.81
N CYS A 203 5.24 12.98 10.56
CA CYS A 203 4.15 13.80 10.07
C CYS A 203 2.78 13.16 10.14
N LEU A 204 2.70 11.89 10.52
CA LEU A 204 1.42 11.16 10.60
C LEU A 204 1.33 10.39 11.89
N PRO A 205 1.47 11.09 13.04
CA PRO A 205 1.70 10.40 14.32
C PRO A 205 0.46 9.75 14.92
N GLY A 206 -0.70 10.31 14.65
CA GLY A 206 -1.90 9.86 15.32
C GLY A 206 -3.06 10.76 14.99
N GLY A 207 -4.17 10.53 15.66
CA GLY A 207 -5.35 11.33 15.36
C GLY A 207 -5.72 11.27 13.89
N GLU A 208 -6.19 12.40 13.36
CA GLU A 208 -6.71 12.41 11.99
C GLU A 208 -5.61 12.15 10.97
N SER A 209 -4.41 12.69 11.17
CA SER A 209 -3.31 12.42 10.24
C SER A 209 -2.97 10.94 10.24
N GLY A 210 -2.90 10.34 11.43
CA GLY A 210 -2.62 8.93 11.53
C GLY A 210 -3.74 8.08 10.97
N GLY A 211 -4.99 8.56 11.10
CA GLY A 211 -6.11 7.89 10.48
C GLY A 211 -5.98 7.81 8.97
N MET A 212 -5.69 8.93 8.32
CA MET A 212 -5.39 8.89 6.89
C MET A 212 -4.24 7.92 6.61
N GLY A 213 -3.25 7.91 7.49
CA GLY A 213 -2.18 6.93 7.36
C GLY A 213 -2.70 5.51 7.18
N GLU A 214 -3.69 5.13 7.99
CA GLU A 214 -4.29 3.80 7.81
C GLU A 214 -5.09 3.72 6.52
N GLY A 215 -5.82 4.80 6.20
CA GLY A 215 -6.71 4.76 5.05
C GLY A 215 -5.97 4.64 3.73
N TRP A 216 -4.85 5.35 3.60
CA TRP A 216 -4.09 5.31 2.35
C TRP A 216 -3.68 3.89 2.02
N GLY A 217 -3.22 3.12 3.02
CA GLY A 217 -2.82 1.75 2.74
C GLY A 217 -3.99 0.87 2.30
N ASP A 218 -5.14 1.01 2.98
CA ASP A 218 -6.32 0.25 2.57
C ASP A 218 -6.73 0.64 1.17
N PHE A 219 -6.69 1.94 0.86
CA PHE A 219 -7.06 2.39 -0.48
C PHE A 219 -6.14 1.80 -1.54
N MET A 220 -4.83 1.89 -1.34
CA MET A 220 -3.90 1.39 -2.36
C MET A 220 -4.09 -0.10 -2.59
N ALA A 221 -4.27 -0.87 -1.51
CA ALA A 221 -4.51 -2.31 -1.65
C ALA A 221 -5.80 -2.57 -2.41
N THR A 222 -6.85 -1.81 -2.08
CA THR A 222 -8.14 -1.96 -2.76
C THR A 222 -8.01 -1.63 -4.24
N ALA A 223 -7.39 -0.51 -4.56
CA ALA A 223 -7.29 -0.07 -5.95
C ALA A 223 -6.52 -1.09 -6.78
N ILE A 224 -5.42 -1.61 -6.24
CA ILE A 224 -4.60 -2.56 -6.98
C ILE A 224 -5.38 -3.82 -7.32
N HIS A 225 -6.32 -4.21 -6.48
CA HIS A 225 -7.04 -5.45 -6.68
C HIS A 225 -8.42 -5.27 -7.30
N ILE A 226 -8.71 -4.08 -7.84
CA ILE A 226 -9.94 -3.93 -8.63
C ILE A 226 -9.89 -4.89 -9.81
N GLN A 227 -11.03 -5.52 -10.07
CA GLN A 227 -11.13 -6.58 -11.06
C GLN A 227 -11.88 -6.09 -12.31
N SER A 228 -11.63 -6.81 -13.40
CA SER A 228 -12.26 -6.49 -14.68
C SER A 228 -13.75 -6.24 -14.53
N LYS A 229 -14.46 -7.15 -13.86
CA LYS A 229 -15.91 -7.06 -13.76
C LYS A 229 -16.39 -5.98 -12.81
N ASP A 230 -15.51 -5.38 -12.03
CA ASP A 230 -15.96 -4.49 -10.99
C ASP A 230 -16.56 -3.21 -11.59
N THR A 231 -17.51 -2.66 -10.86
CA THR A 231 -18.14 -1.38 -11.16
C THR A 231 -18.28 -0.62 -9.85
N ARG A 232 -18.80 0.62 -9.92
CA ARG A 232 -18.95 1.36 -8.68
C ARG A 232 -19.89 0.67 -7.70
N ALA A 233 -20.65 -0.32 -8.16
CA ALA A 233 -21.51 -1.06 -7.26
C ALA A 233 -20.76 -2.14 -6.49
N SER A 234 -19.52 -2.45 -6.87
CA SER A 234 -18.75 -3.45 -6.14
C SER A 234 -18.39 -2.95 -4.75
N ASN A 235 -18.42 -3.86 -3.79
CA ASN A 235 -17.99 -3.59 -2.42
C ASN A 235 -16.72 -4.40 -2.13
N LYS A 236 -15.82 -3.82 -1.36
CA LYS A 236 -14.50 -4.40 -1.13
C LYS A 236 -14.15 -4.39 0.35
N VAL A 237 -13.50 -5.46 0.80
CA VAL A 237 -13.07 -5.55 2.20
C VAL A 237 -11.57 -5.77 2.23
N MET A 238 -11.00 -5.80 3.44
CA MET A 238 -9.54 -5.87 3.66
C MET A 238 -9.21 -7.03 4.57
N GLY A 239 -8.28 -7.88 4.14
CA GLY A 239 -7.74 -8.91 4.99
C GLY A 239 -8.69 -10.03 5.32
N ASP A 240 -9.74 -10.23 4.53
CA ASP A 240 -10.72 -11.26 4.86
C ASP A 240 -10.09 -12.66 4.97
N TRP A 241 -9.07 -12.96 4.18
CA TRP A 241 -8.46 -14.29 4.30
C TRP A 241 -7.65 -14.41 5.59
N VAL A 242 -6.65 -13.55 5.78
CA VAL A 242 -5.71 -13.81 6.87
C VAL A 242 -6.44 -13.71 8.20
N TYR A 243 -7.50 -12.91 8.25
CA TYR A 243 -8.31 -12.64 9.43
C TYR A 243 -9.45 -13.63 9.63
N ASN A 244 -9.79 -14.39 8.57
CA ASN A 244 -10.81 -15.44 8.62
C ASN A 244 -12.19 -14.90 8.98
N ASN A 245 -12.54 -13.75 8.39
CA ASN A 245 -13.91 -13.25 8.42
C ASN A 245 -14.24 -12.52 7.13
N ALA A 246 -15.40 -12.82 6.55
CA ALA A 246 -15.78 -12.24 5.27
C ALA A 246 -15.94 -10.72 5.33
N ALA A 247 -16.14 -10.14 6.52
CA ALA A 247 -16.23 -8.70 6.63
C ALA A 247 -14.88 -8.01 6.47
N GLY A 248 -13.80 -8.77 6.50
CA GLY A 248 -12.48 -8.19 6.60
C GLY A 248 -12.29 -7.50 7.95
N ILE A 249 -11.21 -6.71 8.04
CA ILE A 249 -10.76 -6.18 9.31
C ILE A 249 -11.38 -4.84 9.65
N ARG A 250 -12.18 -4.23 8.76
CA ARG A 250 -12.79 -2.93 9.02
C ARG A 250 -14.29 -3.05 9.21
N ALA A 251 -14.91 -1.96 9.72
CA ALA A 251 -16.29 -2.02 10.20
C ALA A 251 -17.34 -2.03 9.09
N TYR A 252 -16.96 -1.60 7.89
CA TYR A 252 -17.84 -1.58 6.74
C TYR A 252 -17.02 -1.87 5.50
N PRO A 253 -17.64 -2.44 4.46
CA PRO A 253 -16.94 -2.55 3.17
C PRO A 253 -16.74 -1.21 2.53
N TYR A 254 -15.65 -1.10 1.75
CA TYR A 254 -15.48 0.06 0.89
C TYR A 254 -16.55 0.00 -0.19
N SER A 255 -17.37 1.04 -0.23
CA SER A 255 -18.61 1.02 -1.01
C SER A 255 -18.94 2.45 -1.39
N THR A 256 -19.60 2.60 -2.55
CA THR A 256 -20.19 3.88 -2.94
C THR A 256 -21.64 3.98 -2.55
N SER A 257 -22.21 2.94 -1.96
CA SER A 257 -23.55 3.00 -1.42
C SER A 257 -23.47 3.50 0.01
N LEU A 258 -24.17 4.61 0.29
CA LEU A 258 -24.22 5.10 1.66
C LEU A 258 -25.08 4.21 2.56
N THR A 259 -25.80 3.25 2.00
CA THR A 259 -26.47 2.23 2.80
C THR A 259 -25.46 1.21 3.30
N THR A 260 -24.67 0.68 2.35
CA THR A 260 -23.64 -0.30 2.69
C THR A 260 -22.57 0.29 3.61
N ASN A 261 -22.13 1.51 3.34
CA ASN A 261 -21.13 2.20 4.16
C ASN A 261 -21.59 3.63 4.46
N PRO A 262 -21.94 3.98 5.69
CA PRO A 262 -22.61 5.25 5.96
C PRO A 262 -21.71 6.41 6.36
N TYR A 263 -20.40 6.22 6.41
CA TYR A 263 -19.51 7.18 7.06
C TYR A 263 -19.44 8.49 6.29
N THR A 264 -19.56 9.61 7.00
CA THR A 264 -19.27 10.94 6.49
C THR A 264 -18.29 11.63 7.44
N TYR A 265 -17.82 12.83 7.10
CA TYR A 265 -16.79 13.45 7.92
C TYR A 265 -17.26 13.64 9.35
N LYS A 266 -18.54 13.97 9.54
CA LYS A 266 -19.10 14.13 10.88
C LYS A 266 -18.93 12.84 11.69
N SER A 267 -19.04 11.69 11.04
CA SER A 267 -18.88 10.42 11.73
C SER A 267 -17.52 10.32 12.44
N VAL A 268 -16.50 10.99 11.89
CA VAL A 268 -15.18 10.88 12.47
C VAL A 268 -15.15 11.41 13.89
N ASN A 269 -16.02 12.37 14.22
CA ASN A 269 -16.11 12.84 15.61
C ASN A 269 -16.48 11.71 16.56
N SER A 270 -17.14 10.65 16.07
CA SER A 270 -17.55 9.52 16.89
C SER A 270 -16.69 8.28 16.72
N LEU A 271 -15.67 8.33 15.87
CA LEU A 271 -14.82 7.18 15.65
C LEU A 271 -13.60 7.24 16.56
N SER A 272 -13.15 6.07 16.99
CA SER A 272 -12.07 5.96 17.98
C SER A 272 -10.93 5.14 17.39
N GLY A 273 -9.77 5.75 17.30
CA GLY A 273 -8.58 5.06 16.83
C GLY A 273 -8.33 5.29 15.36
N VAL A 274 -7.05 5.17 14.98
CA VAL A 274 -6.64 5.50 13.62
C VAL A 274 -7.20 4.51 12.58
N HIS A 275 -7.44 3.24 12.95
CA HIS A 275 -7.96 2.33 11.93
C HIS A 275 -9.42 2.63 11.62
N ALA A 276 -10.21 3.01 12.63
CA ALA A 276 -11.58 3.41 12.37
C ALA A 276 -11.62 4.69 11.53
N ILE A 277 -10.79 5.67 11.89
CA ILE A 277 -10.73 6.91 11.12
C ILE A 277 -10.30 6.62 9.69
N GLY A 278 -9.30 5.77 9.52
CA GLY A 278 -8.81 5.46 8.19
C GLY A 278 -9.84 4.72 7.34
N THR A 279 -10.78 4.01 7.97
CA THR A 279 -11.84 3.38 7.21
C THR A 279 -12.69 4.44 6.51
N TYR A 280 -12.96 5.56 7.18
CA TYR A 280 -13.64 6.65 6.50
C TYR A 280 -12.79 7.18 5.33
N TRP A 281 -11.50 7.40 5.57
CA TRP A 281 -10.64 8.03 4.56
C TRP A 281 -10.57 7.16 3.30
N ALA A 282 -10.36 5.85 3.50
CA ALA A 282 -10.30 4.95 2.35
C ALA A 282 -11.64 4.86 1.62
N THR A 283 -12.76 5.08 2.32
CA THR A 283 -14.05 5.12 1.64
C THR A 283 -14.19 6.36 0.76
N VAL A 284 -13.70 7.51 1.23
CA VAL A 284 -13.71 8.72 0.41
C VAL A 284 -12.88 8.51 -0.84
N LEU A 285 -11.67 7.97 -0.66
CA LEU A 285 -10.81 7.76 -1.83
C LEU A 285 -11.44 6.76 -2.79
N TYR A 286 -12.14 5.76 -2.25
CA TYR A 286 -12.86 4.81 -3.09
C TYR A 286 -13.90 5.51 -3.95
N GLU A 287 -14.64 6.46 -3.35
CA GLU A 287 -15.62 7.23 -4.09
C GLU A 287 -14.95 8.02 -5.22
N VAL A 288 -13.86 8.69 -4.90
CA VAL A 288 -13.13 9.46 -5.90
C VAL A 288 -12.64 8.55 -7.02
N MET A 289 -12.05 7.40 -6.65
CA MET A 289 -11.55 6.48 -7.66
C MET A 289 -12.66 6.09 -8.63
N TRP A 290 -13.84 5.73 -8.13
CA TRP A 290 -14.87 5.28 -9.05
C TRP A 290 -15.34 6.42 -9.95
N ASN A 291 -15.30 7.66 -9.46
CA ASN A 291 -15.61 8.78 -10.36
C ASN A 291 -14.59 8.84 -11.49
N LEU A 292 -13.30 8.67 -11.16
CA LEU A 292 -12.26 8.71 -12.19
C LEU A 292 -12.36 7.52 -13.13
N ILE A 293 -12.68 6.33 -12.61
CA ILE A 293 -12.82 5.15 -13.47
C ILE A 293 -14.00 5.32 -14.42
N ASP A 294 -15.13 5.81 -13.91
CA ASP A 294 -16.32 6.00 -14.75
C ASP A 294 -16.05 7.02 -15.85
N LYS A 295 -15.14 7.97 -15.60
CA LYS A 295 -14.78 8.96 -16.61
C LYS A 295 -13.77 8.43 -17.61
N HIS A 296 -12.69 7.81 -17.11
CA HIS A 296 -11.53 7.48 -17.93
C HIS A 296 -11.42 5.99 -18.24
N GLY A 297 -12.27 5.15 -17.67
CA GLY A 297 -12.07 3.72 -17.73
C GLY A 297 -11.06 3.28 -16.69
N LYS A 298 -10.77 1.98 -16.71
CA LYS A 298 -9.76 1.42 -15.83
C LYS A 298 -8.87 0.47 -16.61
N ASN A 299 -7.59 0.49 -16.27
CA ASN A 299 -6.58 -0.36 -16.88
C ASN A 299 -6.36 -1.56 -15.96
N ASP A 300 -6.76 -2.75 -16.40
CA ASP A 300 -6.58 -3.94 -15.58
C ASP A 300 -5.17 -4.51 -15.63
N ALA A 301 -4.29 -3.98 -16.47
CA ALA A 301 -2.90 -4.41 -16.47
C ALA A 301 -2.22 -3.99 -15.17
N ASP A 302 -1.01 -4.53 -14.94
CA ASP A 302 -0.26 -4.29 -13.71
C ASP A 302 0.59 -3.02 -13.73
N GLU A 303 0.58 -2.26 -14.82
CA GLU A 303 1.19 -0.95 -14.77
C GLU A 303 0.39 0.01 -15.65
N PRO A 304 0.43 1.29 -15.37
CA PRO A 304 -0.37 2.24 -16.14
C PRO A 304 0.25 2.55 -17.49
N LYS A 305 -0.62 2.93 -18.42
CA LYS A 305 -0.22 3.65 -19.62
C LYS A 305 -0.29 5.14 -19.31
N PHE A 306 0.65 5.87 -19.85
CA PHE A 306 0.74 7.30 -19.61
C PHE A 306 0.49 8.06 -20.90
N ASN A 307 -0.24 9.16 -20.80
CA ASN A 307 -0.42 10.11 -21.89
C ASN A 307 0.14 11.43 -21.39
N ASN A 308 1.24 11.87 -21.98
CA ASN A 308 1.83 13.15 -21.63
C ASN A 308 2.04 13.23 -20.12
N GLY A 309 2.62 12.18 -19.56
CA GLY A 309 2.93 12.10 -18.14
C GLY A 309 1.78 11.73 -17.23
N VAL A 310 0.58 11.52 -17.75
CA VAL A 310 -0.62 11.34 -16.95
C VAL A 310 -1.14 9.92 -17.16
N PRO A 311 -1.38 9.14 -16.11
CA PRO A 311 -2.01 7.83 -16.30
C PRO A 311 -3.30 7.99 -17.11
N THR A 312 -3.50 7.08 -18.08
CA THR A 312 -4.62 7.22 -18.99
C THR A 312 -5.94 6.71 -18.42
N ASP A 313 -5.90 5.91 -17.36
CA ASP A 313 -7.10 5.32 -16.78
C ASP A 313 -7.37 5.85 -15.38
N GLY A 314 -8.59 5.63 -14.92
CA GLY A 314 -9.01 6.20 -13.65
C GLY A 314 -8.43 5.51 -12.44
N LYS A 315 -8.13 4.20 -12.55
CA LYS A 315 -7.58 3.47 -11.42
C LYS A 315 -6.17 3.96 -11.11
N TYR A 316 -5.30 3.97 -12.10
CA TYR A 316 -3.95 4.44 -11.81
C TYR A 316 -3.91 5.96 -11.68
N LEU A 317 -4.81 6.67 -12.34
CA LEU A 317 -4.89 8.12 -12.13
C LEU A 317 -5.22 8.42 -10.67
N ALA A 318 -6.19 7.70 -10.09
CA ALA A 318 -6.53 7.89 -8.70
C ALA A 318 -5.33 7.64 -7.80
N MET A 319 -4.62 6.53 -8.05
CA MET A 319 -3.43 6.23 -7.25
C MET A 319 -2.40 7.32 -7.37
N LYS A 320 -2.19 7.83 -8.58
CA LYS A 320 -1.18 8.86 -8.80
C LYS A 320 -1.55 10.17 -8.11
N LEU A 321 -2.81 10.58 -8.19
CA LEU A 321 -3.24 11.81 -7.53
C LEU A 321 -3.12 11.69 -6.01
N VAL A 322 -3.39 10.51 -5.49
CA VAL A 322 -3.26 10.29 -4.05
C VAL A 322 -1.81 10.37 -3.63
N VAL A 323 -0.93 9.73 -4.39
CA VAL A 323 0.50 9.81 -4.11
C VAL A 323 0.98 11.26 -4.19
N ASP A 324 0.64 11.95 -5.29
CA ASP A 324 1.08 13.34 -5.45
C ASP A 324 0.55 14.23 -4.33
N GLY A 325 -0.69 13.97 -3.88
CA GLY A 325 -1.24 14.77 -2.81
C GLY A 325 -0.42 14.65 -1.53
N MET A 326 0.17 13.48 -1.28
CA MET A 326 0.99 13.33 -0.10
C MET A 326 2.19 14.27 -0.13
N SER A 327 2.74 14.55 -1.32
CA SER A 327 3.88 15.47 -1.40
C SER A 327 3.52 16.94 -1.25
N LEU A 328 2.25 17.30 -1.39
CA LEU A 328 1.80 18.69 -1.31
C LEU A 328 1.15 19.04 0.02
N GLN A 329 0.63 18.06 0.75
CA GLN A 329 -0.09 18.36 1.97
C GLN A 329 0.86 18.78 3.09
N PRO A 330 0.37 19.49 4.10
CA PRO A 330 1.23 19.85 5.22
C PRO A 330 1.70 18.62 5.98
N CYS A 331 2.75 18.84 6.79
CA CYS A 331 3.07 17.89 7.84
C CYS A 331 1.96 17.93 8.88
N ASN A 332 1.69 16.78 9.49
CA ASN A 332 0.59 16.60 10.43
C ASN A 332 -0.73 17.10 9.81
N PRO A 333 -1.08 16.64 8.62
CA PRO A 333 -2.24 17.17 7.94
C PRO A 333 -3.55 16.64 8.50
N ASN A 334 -4.61 17.43 8.30
CA ASN A 334 -5.98 16.96 8.49
C ASN A 334 -6.60 16.67 7.12
N MET A 335 -7.82 16.14 7.15
CA MET A 335 -8.43 15.62 5.92
C MET A 335 -8.85 16.74 4.97
N VAL A 336 -9.21 17.91 5.51
CA VAL A 336 -9.51 19.04 4.64
C VAL A 336 -8.27 19.43 3.84
N GLN A 337 -7.13 19.57 4.53
CA GLN A 337 -5.87 19.87 3.86
C GLN A 337 -5.47 18.77 2.88
N ALA A 338 -5.74 17.50 3.23
CA ALA A 338 -5.34 16.40 2.35
C ALA A 338 -6.21 16.36 1.11
N ARG A 339 -7.51 16.66 1.27
CA ARG A 339 -8.38 16.87 0.12
C ARG A 339 -7.79 17.95 -0.78
N ASP A 340 -7.44 19.09 -0.19
CA ASP A 340 -6.98 20.22 -1.00
C ASP A 340 -5.68 19.87 -1.73
N ALA A 341 -4.84 19.04 -1.10
CA ALA A 341 -3.59 18.62 -1.74
C ALA A 341 -3.85 17.71 -2.93
N ILE A 342 -4.88 16.87 -2.86
CA ILE A 342 -5.24 16.03 -4.01
C ILE A 342 -5.79 16.88 -5.14
N ILE A 343 -6.64 17.85 -4.82
CA ILE A 343 -7.14 18.76 -5.84
C ILE A 343 -5.96 19.54 -6.46
N ASP A 344 -5.07 20.03 -5.61
CA ASP A 344 -3.90 20.76 -6.12
C ASP A 344 -2.99 19.84 -6.94
N ALA A 345 -2.91 18.56 -6.57
CA ALA A 345 -2.13 17.60 -7.35
C ALA A 345 -2.69 17.43 -8.76
N ASP A 346 -4.01 17.40 -8.86
CA ASP A 346 -4.63 17.37 -10.18
C ASP A 346 -4.40 18.67 -10.94
N THR A 347 -4.50 19.82 -10.28
CA THR A 347 -4.16 21.07 -10.95
C THR A 347 -2.77 20.98 -11.59
N ALA A 348 -1.80 20.48 -10.82
CA ALA A 348 -0.42 20.43 -11.32
C ALA A 348 -0.26 19.37 -12.42
N LEU A 349 -0.90 18.22 -12.24
CA LEU A 349 -0.66 17.08 -13.13
C LEU A 349 -1.43 17.21 -14.44
N THR A 350 -2.70 17.64 -14.37
CA THR A 350 -3.59 17.63 -15.53
C THR A 350 -4.15 19.01 -15.87
N LYS A 351 -3.67 20.07 -15.22
CA LYS A 351 -4.25 21.40 -15.36
C LYS A 351 -5.70 21.45 -14.85
N GLY A 352 -6.02 20.60 -13.87
CA GLY A 352 -7.32 20.63 -13.21
C GLY A 352 -8.41 19.86 -13.93
N ALA A 353 -8.05 18.87 -14.75
CA ALA A 353 -9.03 18.17 -15.57
C ALA A 353 -10.02 17.36 -14.76
N ASN A 354 -9.69 17.00 -13.52
CA ASN A 354 -10.54 16.10 -12.74
C ASN A 354 -11.10 16.77 -11.50
N LYS A 355 -11.11 18.11 -11.50
CA LYS A 355 -11.56 18.88 -10.35
C LYS A 355 -12.92 18.41 -9.86
N CYS A 356 -13.87 18.23 -10.77
CA CYS A 356 -15.21 17.95 -10.29
C CYS A 356 -15.38 16.50 -9.90
N GLU A 357 -14.66 15.57 -10.55
CA GLU A 357 -14.67 14.17 -10.11
C GLU A 357 -14.16 14.05 -8.69
N ILE A 358 -13.13 14.82 -8.34
CA ILE A 358 -12.57 14.77 -7.00
C ILE A 358 -13.54 15.40 -6.01
N TRP A 359 -14.01 16.59 -6.31
CA TRP A 359 -14.92 17.26 -5.39
C TRP A 359 -16.19 16.45 -5.16
N LYS A 360 -16.71 15.80 -6.20
CA LYS A 360 -17.96 15.05 -6.04
C LYS A 360 -17.79 13.92 -5.03
N GLY A 361 -16.66 13.23 -5.09
CA GLY A 361 -16.45 12.15 -4.13
C GLY A 361 -16.28 12.65 -2.71
N PHE A 362 -15.48 13.72 -2.53
CA PHE A 362 -15.31 14.30 -1.21
C PHE A 362 -16.61 14.87 -0.69
N ALA A 363 -17.31 15.65 -1.51
CA ALA A 363 -18.56 16.27 -1.07
C ALA A 363 -19.59 15.21 -0.67
N LYS A 364 -19.68 14.13 -1.46
CA LYS A 364 -20.68 13.09 -1.17
C LYS A 364 -20.53 12.54 0.24
N ARG A 365 -19.31 12.52 0.78
CA ARG A 365 -19.09 11.98 2.11
C ARG A 365 -18.68 13.06 3.11
N GLY A 366 -19.15 14.29 2.91
CA GLY A 366 -19.09 15.31 3.93
C GLY A 366 -17.85 16.17 3.93
N LEU A 367 -16.95 16.01 2.97
CA LEU A 367 -15.75 16.86 2.86
C LEU A 367 -15.92 17.87 1.73
N GLY A 368 -17.14 18.40 1.64
CA GLY A 368 -17.52 19.44 0.70
C GLY A 368 -16.91 20.78 1.07
N THR A 369 -17.35 21.82 0.34
CA THR A 369 -16.65 23.09 0.36
C THR A 369 -16.66 23.72 1.75
N GLY A 370 -17.66 23.42 2.56
CA GLY A 370 -17.79 24.01 3.88
C GLY A 370 -17.16 23.23 5.01
N ALA A 371 -16.45 22.15 4.72
CA ALA A 371 -15.91 21.32 5.78
C ALA A 371 -14.81 22.03 6.56
N LYS A 372 -14.80 21.83 7.89
CA LYS A 372 -13.79 22.39 8.78
C LYS A 372 -13.31 21.32 9.75
N TYR A 373 -12.00 21.28 10.00
CA TYR A 373 -11.42 20.30 10.91
C TYR A 373 -11.37 20.81 12.34
N SER A 374 -11.62 19.90 13.27
CA SER A 374 -11.36 20.08 14.68
C SER A 374 -11.12 18.69 15.26
N ALA A 375 -10.22 18.60 16.24
CA ALA A 375 -9.89 17.30 16.81
C ALA A 375 -11.15 16.60 17.33
N SER A 376 -12.09 17.38 17.89
CA SER A 376 -13.28 16.82 18.50
C SER A 376 -14.59 17.27 17.87
N SER A 377 -14.59 18.37 17.10
CA SER A 377 -15.83 19.03 16.69
C SER A 377 -15.75 19.46 15.24
N ARG A 378 -15.39 18.52 14.36
CA ARG A 378 -15.38 18.75 12.93
C ARG A 378 -16.71 19.29 12.44
N THR A 379 -16.66 20.04 11.34
CA THR A 379 -17.82 20.52 10.62
C THR A 379 -17.81 19.93 9.21
N GLU A 380 -18.89 19.25 8.83
CA GLU A 380 -18.98 18.59 7.54
C GLU A 380 -19.85 19.39 6.59
N SER A 381 -19.73 19.08 5.30
CA SER A 381 -20.39 19.79 4.23
C SER A 381 -20.55 18.87 3.04
N PHE A 382 -21.70 18.93 2.38
CA PHE A 382 -21.94 18.18 1.15
C PHE A 382 -22.02 19.10 -0.06
N ALA A 383 -21.59 20.34 0.09
CA ALA A 383 -21.69 21.32 -0.98
C ALA A 383 -20.51 21.22 -1.93
N LEU A 384 -20.77 21.51 -3.19
CA LEU A 384 -19.81 21.48 -4.27
C LEU A 384 -19.41 22.89 -4.70
N PRO A 385 -18.26 23.05 -5.34
CA PRO A 385 -17.95 24.32 -5.99
C PRO A 385 -18.90 24.57 -7.14
N SER A 386 -19.07 25.86 -7.48
CA SER A 386 -20.00 26.20 -8.56
C SER A 386 -19.60 25.55 -9.87
N GLY A 387 -18.30 25.48 -10.16
CA GLY A 387 -17.85 24.86 -11.40
C GLY A 387 -18.35 23.45 -11.63
N CYS A 388 -19.03 22.87 -10.64
CA CYS A 388 -19.36 21.45 -10.64
C CYS A 388 -20.85 21.20 -10.47
C1 NAG B . 24.91 -9.31 -11.60
C2 NAG B . 25.75 -9.91 -12.73
C3 NAG B . 25.52 -9.17 -14.05
C4 NAG B . 24.03 -9.06 -14.36
C5 NAG B . 23.29 -8.46 -13.17
C6 NAG B . 21.79 -8.41 -13.35
C7 NAG B . 27.91 -10.96 -12.21
C8 NAG B . 29.35 -10.72 -11.82
N2 NAG B . 27.16 -9.87 -12.38
O3 NAG B . 26.18 -9.86 -15.09
O4 NAG B . 23.83 -8.21 -15.49
O5 NAG B . 23.53 -9.25 -12.01
O6 NAG B . 21.24 -9.71 -13.53
O7 NAG B . 27.47 -12.09 -12.37
C1 NAG B . 23.47 -8.95 -16.67
C2 NAG B . 22.59 -8.06 -17.55
C3 NAG B . 22.23 -8.78 -18.86
C4 NAG B . 23.49 -9.27 -19.55
C5 NAG B . 24.33 -10.11 -18.60
C6 NAG B . 25.66 -10.52 -19.20
C7 NAG B . 21.12 -6.42 -16.43
C8 NAG B . 19.81 -6.20 -15.73
N2 NAG B . 21.37 -7.67 -16.85
O3 NAG B . 21.54 -7.87 -19.72
O4 NAG B . 23.15 -10.04 -20.70
O5 NAG B . 24.63 -9.36 -17.41
O6 NAG B . 26.59 -10.91 -18.20
O7 NAG B . 21.94 -5.51 -16.60
ZN ZN C . -1.63 0.49 9.11
CA CA D . 16.02 6.45 0.17
CA CA E . 8.19 12.52 5.27
#